data_1YV9
#
_entry.id   1YV9
#
_cell.length_a   117.628
_cell.length_b   126.114
_cell.length_c   112.634
_cell.angle_alpha   90.00
_cell.angle_beta   90.00
_cell.angle_gamma   90.00
#
_symmetry.space_group_name_H-M   'C 2 2 21'
#
loop_
_entity.id
_entity.type
_entity.pdbx_description
1 polymer 'hydrolase, haloacid dehalogenase family'
2 non-polymer 'PHOSPHATE ION'
3 water water
#
_entity_poly.entity_id   1
_entity_poly.type   'polypeptide(L)'
_entity_poly.pdbx_seq_one_letter_code
;MSLDYQGYLIDLDGTIYLGKEPIPAGKRFVERLQEKDLPFLFVTNNTTKSPETVAQRLANEFDIHVPASLVYTATLATID
YMKEANRGKKVFVIGEAGLIDLILEAGFEWDETNPDYVVVGLDTELSYEKVVLATLAIQKGALFIGTNPDKNIPTERGLL
PGAGSVVTFVETATQTKPVYIGKPKAIIMERAIAHLGVEKEQVIMVGDNYETDIQSGIQNGIDSLLVTSGFTPKSAVPTL
PTPPTYVVDSLDEWTFEGHHHHHH
;
_entity_poly.pdbx_strand_id   A,B
#
# COMPACT_ATOMS: atom_id res chain seq x y z
N SER A 2 27.80 7.22 14.59
CA SER A 2 27.19 6.18 13.71
C SER A 2 27.01 6.70 12.29
N LEU A 3 25.83 7.27 12.03
CA LEU A 3 25.48 7.84 10.73
C LEU A 3 25.13 6.70 9.75
N ASP A 4 24.03 6.01 10.07
CA ASP A 4 23.53 4.89 9.27
C ASP A 4 22.02 5.03 9.32
N TYR A 5 21.42 4.36 10.29
CA TYR A 5 19.99 4.43 10.50
C TYR A 5 19.80 5.39 11.66
N GLN A 6 18.91 6.36 11.47
CA GLN A 6 18.65 7.35 12.51
C GLN A 6 17.36 7.12 13.28
N GLY A 7 16.51 6.24 12.75
CA GLY A 7 15.25 5.94 13.41
C GLY A 7 14.95 4.47 13.31
N TYR A 8 14.27 3.91 14.31
CA TYR A 8 13.96 2.49 14.32
C TYR A 8 12.50 2.12 14.58
N LEU A 9 11.94 1.24 13.74
CA LEU A 9 10.57 0.77 13.94
C LEU A 9 10.73 -0.65 14.47
N ILE A 10 10.11 -0.94 15.61
CA ILE A 10 10.27 -2.26 16.20
C ILE A 10 8.97 -2.99 16.45
N ASP A 11 8.96 -4.30 16.16
CA ASP A 11 7.80 -5.12 16.41
C ASP A 11 7.91 -5.41 17.90
N LEU A 12 6.85 -5.93 18.50
CA LEU A 12 6.88 -6.24 19.92
C LEU A 12 6.93 -7.73 20.19
N ASP A 13 5.77 -8.38 20.20
CA ASP A 13 5.74 -9.81 20.47
C ASP A 13 6.67 -10.54 19.50
N GLY A 14 7.36 -11.55 20.01
CA GLY A 14 8.29 -12.31 19.19
C GLY A 14 9.60 -11.59 18.99
N THR A 15 9.64 -10.31 19.39
CA THR A 15 10.85 -9.52 19.24
C THR A 15 11.39 -9.00 20.56
N ILE A 16 10.51 -8.47 21.39
CA ILE A 16 10.90 -7.93 22.69
C ILE A 16 10.46 -8.84 23.82
N TYR A 17 9.41 -9.61 23.59
CA TYR A 17 8.89 -10.55 24.58
C TYR A 17 8.16 -11.67 23.85
N LEU A 18 8.35 -12.90 24.30
CA LEU A 18 7.69 -14.03 23.66
C LEU A 18 6.57 -14.59 24.54
N GLY A 19 5.43 -13.90 24.53
CA GLY A 19 4.30 -14.32 25.34
C GLY A 19 4.38 -13.62 26.68
N LYS A 20 4.75 -14.36 27.71
CA LYS A 20 4.89 -13.76 29.04
C LYS A 20 6.36 -13.84 29.36
N GLU A 21 7.04 -14.71 28.64
CA GLU A 21 8.47 -14.88 28.84
C GLU A 21 9.18 -13.78 28.07
N PRO A 22 10.10 -13.06 28.75
CA PRO A 22 10.84 -11.98 28.11
C PRO A 22 11.98 -12.42 27.20
N ILE A 23 12.55 -11.44 26.49
CA ILE A 23 13.68 -11.67 25.59
C ILE A 23 14.81 -10.79 26.14
N PRO A 24 15.80 -11.39 26.80
CA PRO A 24 16.90 -10.61 27.34
C PRO A 24 17.45 -9.62 26.33
N ALA A 25 18.01 -10.15 25.24
CA ALA A 25 18.57 -9.30 24.18
C ALA A 25 17.58 -8.19 23.81
N GLY A 26 16.33 -8.57 23.57
CA GLY A 26 15.33 -7.60 23.21
C GLY A 26 15.29 -6.42 24.15
N LYS A 27 15.35 -6.71 25.45
CA LYS A 27 15.32 -5.66 26.47
C LYS A 27 16.58 -4.79 26.47
N ARG A 28 17.72 -5.38 26.11
CA ARG A 28 18.97 -4.63 26.06
C ARG A 28 18.92 -3.73 24.83
N PHE A 29 18.21 -4.20 23.82
CA PHE A 29 18.10 -3.45 22.58
C PHE A 29 17.39 -2.12 22.82
N VAL A 30 16.36 -2.13 23.65
CA VAL A 30 15.62 -0.92 23.96
C VAL A 30 16.43 0.04 24.81
N GLU A 31 17.16 -0.51 25.79
CA GLU A 31 17.96 0.30 26.69
C GLU A 31 19.06 1.05 25.98
N ARG A 32 19.69 0.39 25.02
CA ARG A 32 20.76 1.02 24.26
C ARG A 32 20.17 2.14 23.42
N LEU A 33 18.99 1.90 22.84
CA LEU A 33 18.33 2.91 22.03
C LEU A 33 18.02 4.11 22.90
N GLN A 34 17.53 3.83 24.10
CA GLN A 34 17.18 4.87 25.05
C GLN A 34 18.45 5.59 25.51
N GLU A 35 19.44 4.81 25.90
CA GLU A 35 20.71 5.36 26.37
C GLU A 35 21.40 6.23 25.32
N LYS A 36 21.45 5.74 24.09
CA LYS A 36 22.09 6.48 23.00
C LYS A 36 21.18 7.57 22.43
N ASP A 37 20.06 7.80 23.11
CA ASP A 37 19.11 8.83 22.70
C ASP A 37 18.69 8.68 21.24
N LEU A 38 18.47 7.45 20.81
CA LEU A 38 18.05 7.22 19.43
C LEU A 38 16.53 7.21 19.28
N PRO A 39 16.03 7.71 18.15
CA PRO A 39 14.58 7.75 17.89
C PRO A 39 14.07 6.37 17.50
N PHE A 40 13.03 5.89 18.17
CA PHE A 40 12.49 4.59 17.82
C PHE A 40 10.99 4.48 18.13
N LEU A 41 10.28 3.70 17.32
CA LEU A 41 8.84 3.53 17.51
C LEU A 41 8.43 2.07 17.47
N PHE A 42 7.49 1.70 18.33
CA PHE A 42 6.99 0.33 18.37
C PHE A 42 5.79 0.22 17.41
N VAL A 43 5.73 -0.85 16.62
CA VAL A 43 4.59 -1.01 15.72
C VAL A 43 4.04 -2.41 15.87
N THR A 44 2.76 -2.51 16.20
CA THR A 44 2.15 -3.82 16.37
C THR A 44 0.79 -3.88 15.70
N ASN A 45 0.46 -5.02 15.11
CA ASN A 45 -0.82 -5.20 14.46
C ASN A 45 -1.88 -5.64 15.46
N ASN A 46 -1.47 -5.76 16.73
CA ASN A 46 -2.36 -6.17 17.82
C ASN A 46 -3.23 -5.01 18.28
N THR A 47 -4.52 -5.11 18.00
CA THR A 47 -5.47 -4.05 18.35
C THR A 47 -6.25 -4.28 19.63
N THR A 48 -6.01 -5.41 20.29
CA THR A 48 -6.74 -5.72 21.52
C THR A 48 -6.25 -4.90 22.71
N LYS A 49 -5.06 -4.33 22.60
CA LYS A 49 -4.56 -3.53 23.70
C LYS A 49 -4.14 -2.14 23.24
N SER A 50 -4.53 -1.15 24.02
CA SER A 50 -4.22 0.23 23.70
C SER A 50 -2.77 0.50 24.04
N PRO A 51 -2.23 1.64 23.61
CA PRO A 51 -0.85 2.03 23.88
C PRO A 51 -0.54 2.03 25.38
N GLU A 52 -1.34 2.76 26.14
CA GLU A 52 -1.19 2.86 27.57
C GLU A 52 -1.14 1.48 28.20
N THR A 53 -2.08 0.63 27.80
CA THR A 53 -2.15 -0.73 28.32
C THR A 53 -0.91 -1.57 27.97
N VAL A 54 -0.25 -1.20 26.88
CA VAL A 54 0.94 -1.92 26.43
C VAL A 54 2.19 -1.43 27.17
N ALA A 55 2.38 -0.12 27.21
CA ALA A 55 3.52 0.47 27.88
C ALA A 55 3.55 -0.01 29.34
N GLN A 56 2.37 -0.29 29.88
CA GLN A 56 2.23 -0.77 31.24
C GLN A 56 2.74 -2.21 31.34
N ARG A 57 2.16 -3.08 30.51
CA ARG A 57 2.55 -4.48 30.47
C ARG A 57 4.05 -4.53 30.24
N LEU A 58 4.55 -3.49 29.57
CA LEU A 58 5.95 -3.37 29.23
C LEU A 58 6.80 -3.02 30.46
N ALA A 59 6.35 -2.02 31.21
CA ALA A 59 7.06 -1.58 32.40
C ALA A 59 6.60 -2.32 33.66
N ASN A 60 5.88 -3.42 33.48
CA ASN A 60 5.38 -4.17 34.62
C ASN A 60 5.72 -5.65 34.57
N GLU A 61 5.88 -6.19 33.37
CA GLU A 61 6.18 -7.60 33.23
C GLU A 61 7.50 -7.85 32.53
N PHE A 62 8.06 -6.79 31.95
CA PHE A 62 9.33 -6.90 31.21
C PHE A 62 10.32 -5.80 31.58
N ASP A 63 9.93 -4.96 32.52
CA ASP A 63 10.73 -3.85 33.04
C ASP A 63 11.15 -2.82 32.01
N ILE A 64 10.48 -2.78 30.87
CA ILE A 64 10.84 -1.79 29.86
C ILE A 64 10.00 -0.56 30.12
N HIS A 65 10.64 0.60 30.14
CA HIS A 65 9.94 1.84 30.41
C HIS A 65 9.91 2.78 29.21
N VAL A 66 8.71 2.96 28.67
CA VAL A 66 8.48 3.82 27.51
C VAL A 66 7.12 4.50 27.63
N PRO A 67 7.01 5.74 27.15
CA PRO A 67 5.73 6.43 27.22
C PRO A 67 4.80 5.70 26.27
N ALA A 68 3.49 5.85 26.42
CA ALA A 68 2.56 5.16 25.55
C ALA A 68 2.61 5.65 24.11
N SER A 69 3.12 6.86 23.91
CA SER A 69 3.21 7.43 22.57
C SER A 69 4.19 6.70 21.64
N LEU A 70 5.12 5.96 22.22
CA LEU A 70 6.09 5.22 21.44
C LEU A 70 5.52 3.87 21.01
N VAL A 71 4.26 3.61 21.36
CA VAL A 71 3.62 2.36 21.00
C VAL A 71 2.58 2.63 19.90
N TYR A 72 2.97 2.46 18.64
CA TYR A 72 2.05 2.69 17.53
C TYR A 72 1.35 1.40 17.11
N THR A 73 0.06 1.32 17.40
CA THR A 73 -0.74 0.15 17.09
C THR A 73 -1.56 0.32 15.82
N ALA A 74 -2.04 -0.80 15.30
CA ALA A 74 -2.86 -0.79 14.09
C ALA A 74 -4.15 0.00 14.32
N THR A 75 -4.61 0.07 15.56
CA THR A 75 -5.82 0.80 15.85
C THR A 75 -5.59 2.27 15.51
N LEU A 76 -4.40 2.77 15.82
CA LEU A 76 -4.07 4.15 15.55
C LEU A 76 -4.09 4.50 14.07
N ALA A 77 -3.59 3.58 13.24
CA ALA A 77 -3.57 3.82 11.81
C ALA A 77 -4.97 3.64 11.25
N THR A 78 -5.81 2.90 11.98
CA THR A 78 -7.17 2.68 11.52
C THR A 78 -8.01 3.94 11.70
N ILE A 79 -7.97 4.55 12.88
CA ILE A 79 -8.75 5.76 13.11
C ILE A 79 -8.19 6.82 12.16
N ASP A 80 -6.88 6.77 11.96
CA ASP A 80 -6.24 7.74 11.10
C ASP A 80 -6.71 7.63 9.67
N TYR A 81 -6.86 6.41 9.18
CA TYR A 81 -7.33 6.19 7.83
C TYR A 81 -8.80 6.60 7.69
N MET A 82 -9.61 6.24 8.69
CA MET A 82 -11.03 6.57 8.66
C MET A 82 -11.22 8.08 8.56
N LYS A 83 -10.54 8.82 9.43
CA LYS A 83 -10.65 10.26 9.40
C LYS A 83 -10.24 10.73 8.02
N GLU A 84 -9.07 10.31 7.58
CA GLU A 84 -8.51 10.68 6.28
C GLU A 84 -9.45 10.29 5.11
N ALA A 85 -10.24 9.24 5.28
CA ALA A 85 -11.16 8.81 4.22
C ALA A 85 -12.44 9.63 4.27
N ASN A 86 -12.77 10.09 5.47
CA ASN A 86 -13.94 10.93 5.69
C ASN A 86 -15.24 10.55 4.97
N ARG A 87 -15.80 9.40 5.33
CA ARG A 87 -17.05 8.94 4.71
C ARG A 87 -18.22 9.03 5.70
N GLY A 88 -18.07 9.83 6.74
CA GLY A 88 -19.14 9.94 7.72
C GLY A 88 -18.65 9.45 9.06
N LYS A 89 -19.50 9.63 10.09
CA LYS A 89 -19.15 9.23 11.45
C LYS A 89 -19.60 7.84 11.89
N LYS A 90 -20.72 7.38 11.34
CA LYS A 90 -21.27 6.08 11.71
C LYS A 90 -20.35 4.91 11.43
N VAL A 91 -20.08 4.11 12.47
CA VAL A 91 -19.22 2.94 12.31
C VAL A 91 -19.68 1.73 13.11
N PHE A 92 -19.46 0.55 12.53
CA PHE A 92 -19.73 -0.73 13.20
C PHE A 92 -18.41 -1.46 13.31
N VAL A 93 -18.14 -2.09 14.44
CA VAL A 93 -16.85 -2.76 14.65
C VAL A 93 -16.93 -4.16 15.25
N ILE A 94 -16.02 -5.02 14.78
CA ILE A 94 -15.91 -6.38 15.28
C ILE A 94 -14.50 -6.46 15.86
N GLY A 95 -14.40 -6.45 17.19
CA GLY A 95 -13.09 -6.50 17.83
C GLY A 95 -13.18 -6.43 19.34
N GLU A 96 -12.02 -6.42 19.97
CA GLU A 96 -11.95 -6.34 21.41
C GLU A 96 -12.14 -4.86 21.78
N ALA A 97 -12.41 -4.60 23.05
CA ALA A 97 -12.64 -3.25 23.55
C ALA A 97 -11.56 -2.24 23.17
N GLY A 98 -10.30 -2.63 23.32
CA GLY A 98 -9.20 -1.73 23.01
C GLY A 98 -9.17 -1.32 21.55
N LEU A 99 -10.17 -1.75 20.79
CA LEU A 99 -10.26 -1.40 19.39
C LEU A 99 -11.52 -0.59 19.19
N ILE A 100 -12.60 -1.01 19.85
CA ILE A 100 -13.86 -0.31 19.72
C ILE A 100 -13.83 0.99 20.53
N ASP A 101 -13.34 0.89 21.77
CA ASP A 101 -13.25 2.05 22.65
C ASP A 101 -12.46 3.18 22.02
N LEU A 102 -11.27 2.87 21.50
CA LEU A 102 -10.42 3.87 20.88
C LEU A 102 -11.12 4.57 19.73
N ILE A 103 -11.66 3.79 18.80
CA ILE A 103 -12.33 4.32 17.62
C ILE A 103 -13.47 5.27 18.01
N LEU A 104 -14.41 4.77 18.80
CA LEU A 104 -15.53 5.58 19.22
C LEU A 104 -15.05 6.82 19.96
N GLU A 105 -13.93 6.69 20.69
CA GLU A 105 -13.36 7.81 21.42
C GLU A 105 -12.73 8.81 20.45
N ALA A 106 -12.54 8.39 19.21
CA ALA A 106 -11.95 9.26 18.21
C ALA A 106 -12.96 10.17 17.54
N GLY A 107 -14.24 9.99 17.86
CA GLY A 107 -15.26 10.83 17.27
C GLY A 107 -16.34 10.11 16.48
N PHE A 108 -16.24 8.79 16.39
CA PHE A 108 -17.23 8.02 15.64
C PHE A 108 -18.40 7.55 16.49
N GLU A 109 -19.48 7.15 15.84
CA GLU A 109 -20.68 6.70 16.53
C GLU A 109 -21.08 5.28 16.17
N TRP A 110 -21.24 4.45 17.20
CA TRP A 110 -21.63 3.06 17.03
C TRP A 110 -22.93 2.96 16.23
N ASP A 111 -22.89 2.24 15.10
CA ASP A 111 -24.06 2.06 14.25
C ASP A 111 -24.06 0.66 13.62
N GLU A 112 -25.05 -0.14 14.02
CA GLU A 112 -25.17 -1.53 13.58
C GLU A 112 -26.00 -1.74 12.33
N THR A 113 -26.64 -0.68 11.84
CA THR A 113 -27.51 -0.83 10.69
C THR A 113 -26.96 -0.34 9.38
N ASN A 114 -26.60 0.93 9.34
CA ASN A 114 -26.07 1.52 8.12
C ASN A 114 -24.85 2.35 8.42
N PRO A 115 -23.85 1.77 9.08
CA PRO A 115 -22.66 2.57 9.37
C PRO A 115 -21.97 2.93 8.08
N ASP A 116 -21.08 3.91 8.15
CA ASP A 116 -20.33 4.34 6.98
C ASP A 116 -19.11 3.44 6.85
N TYR A 117 -18.62 2.94 7.98
CA TYR A 117 -17.46 2.06 7.99
C TYR A 117 -17.75 0.80 8.81
N VAL A 118 -17.15 -0.31 8.40
CA VAL A 118 -17.27 -1.56 9.14
C VAL A 118 -15.82 -1.97 9.35
N VAL A 119 -15.37 -1.86 10.60
CA VAL A 119 -14.00 -2.22 10.93
C VAL A 119 -13.96 -3.62 11.54
N VAL A 120 -13.14 -4.50 10.97
CA VAL A 120 -13.04 -5.86 11.50
C VAL A 120 -11.64 -6.18 12.02
N GLY A 121 -11.59 -6.63 13.27
CA GLY A 121 -10.32 -6.99 13.88
C GLY A 121 -10.47 -8.32 14.59
N LEU A 122 -9.56 -8.64 15.49
CA LEU A 122 -9.67 -9.89 16.23
C LEU A 122 -10.68 -9.75 17.38
N ASP A 123 -11.56 -10.73 17.51
CA ASP A 123 -12.54 -10.74 18.57
C ASP A 123 -12.70 -12.18 19.02
N THR A 124 -12.16 -12.48 20.19
CA THR A 124 -12.20 -13.82 20.76
C THR A 124 -13.60 -14.21 21.22
N GLU A 125 -14.53 -13.27 21.07
CA GLU A 125 -15.92 -13.49 21.44
C GLU A 125 -16.75 -13.35 20.18
N LEU A 126 -16.14 -13.64 19.04
CA LEU A 126 -16.84 -13.54 17.79
C LEU A 126 -18.09 -14.43 17.85
N SER A 127 -19.15 -14.00 17.17
CA SER A 127 -20.40 -14.74 17.11
C SER A 127 -20.93 -14.69 15.69
N TYR A 128 -21.72 -15.68 15.31
CA TYR A 128 -22.31 -15.71 13.99
C TYR A 128 -23.04 -14.39 13.77
N GLU A 129 -23.81 -13.97 14.76
CA GLU A 129 -24.57 -12.72 14.68
C GLU A 129 -23.73 -11.52 14.28
N LYS A 130 -22.54 -11.37 14.87
CA LYS A 130 -21.69 -10.24 14.54
C LYS A 130 -21.33 -10.16 13.07
N VAL A 131 -20.88 -11.26 12.48
CA VAL A 131 -20.52 -11.22 11.07
C VAL A 131 -21.75 -11.07 10.19
N VAL A 132 -22.92 -11.38 10.74
CA VAL A 132 -24.16 -11.21 9.99
C VAL A 132 -24.43 -9.71 9.90
N LEU A 133 -24.20 -9.02 11.02
CA LEU A 133 -24.41 -7.57 11.07
C LEU A 133 -23.48 -6.92 10.07
N ALA A 134 -22.21 -7.27 10.17
CA ALA A 134 -21.20 -6.71 9.28
C ALA A 134 -21.47 -6.99 7.81
N THR A 135 -21.95 -8.19 7.50
CA THR A 135 -22.23 -8.54 6.10
C THR A 135 -23.36 -7.67 5.56
N LEU A 136 -24.39 -7.46 6.39
CA LEU A 136 -25.51 -6.65 5.97
C LEU A 136 -25.05 -5.21 5.78
N ALA A 137 -24.27 -4.73 6.74
CA ALA A 137 -23.75 -3.37 6.71
C ALA A 137 -22.91 -3.14 5.45
N ILE A 138 -22.04 -4.10 5.14
CA ILE A 138 -21.20 -3.97 3.97
C ILE A 138 -22.04 -3.96 2.72
N GLN A 139 -23.03 -4.86 2.67
CA GLN A 139 -23.93 -4.94 1.51
C GLN A 139 -24.62 -3.63 1.20
N LYS A 140 -24.86 -2.81 2.22
CA LYS A 140 -25.52 -1.54 2.01
C LYS A 140 -24.59 -0.43 1.58
N GLY A 141 -23.29 -0.72 1.50
CA GLY A 141 -22.34 0.28 1.06
C GLY A 141 -21.14 0.59 1.96
N ALA A 142 -21.26 0.28 3.25
CA ALA A 142 -20.18 0.54 4.17
C ALA A 142 -18.82 0.10 3.62
N LEU A 143 -17.79 0.88 3.96
CA LEU A 143 -16.43 0.59 3.55
C LEU A 143 -15.90 -0.50 4.48
N PHE A 144 -15.40 -1.57 3.90
CA PHE A 144 -14.89 -2.71 4.66
C PHE A 144 -13.41 -2.56 5.00
N ILE A 145 -13.12 -2.39 6.29
CA ILE A 145 -11.74 -2.24 6.76
C ILE A 145 -11.25 -3.45 7.57
N GLY A 146 -10.04 -3.91 7.25
CA GLY A 146 -9.45 -5.03 7.97
C GLY A 146 -8.31 -4.44 8.79
N THR A 147 -8.23 -4.78 10.07
CA THR A 147 -7.19 -4.22 10.91
C THR A 147 -5.80 -4.70 10.58
N ASN A 148 -5.67 -6.00 10.31
CA ASN A 148 -4.37 -6.59 9.98
C ASN A 148 -4.58 -7.98 9.38
N PRO A 149 -3.79 -8.33 8.37
CA PRO A 149 -3.87 -9.62 7.68
C PRO A 149 -3.38 -10.89 8.37
N ASP A 150 -2.84 -10.77 9.58
CA ASP A 150 -2.36 -11.95 10.31
C ASP A 150 -3.42 -13.05 10.35
N LYS A 151 -3.12 -14.21 9.78
CA LYS A 151 -4.06 -15.31 9.76
C LYS A 151 -4.16 -15.96 11.14
N ASN A 152 -3.05 -16.01 11.86
CA ASN A 152 -3.03 -16.63 13.18
C ASN A 152 -2.49 -15.69 14.25
N ILE A 153 -2.52 -16.16 15.48
CA ILE A 153 -2.02 -15.39 16.61
C ILE A 153 -1.58 -16.32 17.74
N PRO A 154 -0.34 -16.15 18.20
CA PRO A 154 0.33 -16.90 19.27
C PRO A 154 -0.26 -16.72 20.67
N THR A 155 -0.65 -17.81 21.32
CA THR A 155 -1.19 -17.72 22.68
C THR A 155 -0.73 -18.93 23.49
N GLU A 156 -1.19 -19.00 24.73
CA GLU A 156 -0.85 -20.11 25.61
C GLU A 156 -1.38 -21.44 25.08
N ARG A 157 -2.44 -21.37 24.27
CA ARG A 157 -3.05 -22.57 23.72
C ARG A 157 -2.44 -22.93 22.38
N GLY A 158 -1.62 -22.04 21.83
CA GLY A 158 -0.99 -22.29 20.55
C GLY A 158 -1.49 -21.29 19.51
N LEU A 159 -1.31 -21.62 18.23
CA LEU A 159 -1.75 -20.74 17.16
C LEU A 159 -3.27 -20.73 17.02
N LEU A 160 -3.91 -19.64 17.45
CA LEU A 160 -5.35 -19.56 17.31
C LEU A 160 -5.63 -18.70 16.09
N PRO A 161 -6.93 -18.53 15.75
CA PRO A 161 -7.32 -17.72 14.59
C PRO A 161 -7.07 -16.24 14.84
N GLY A 162 -6.36 -15.60 13.92
CA GLY A 162 -6.05 -14.18 14.07
C GLY A 162 -6.93 -13.23 13.29
N ALA A 163 -6.69 -11.93 13.47
CA ALA A 163 -7.45 -10.90 12.80
C ALA A 163 -7.73 -11.27 11.34
N GLY A 164 -6.65 -11.60 10.63
CA GLY A 164 -6.72 -11.98 9.23
C GLY A 164 -7.77 -13.02 8.94
N SER A 165 -7.78 -14.11 9.71
CA SER A 165 -8.78 -15.14 9.49
C SER A 165 -10.21 -14.62 9.63
N VAL A 166 -10.45 -13.79 10.64
CA VAL A 166 -11.79 -13.25 10.87
C VAL A 166 -12.19 -12.30 9.75
N VAL A 167 -11.25 -11.48 9.29
CA VAL A 167 -11.55 -10.57 8.19
C VAL A 167 -11.98 -11.38 6.96
N THR A 168 -11.18 -12.39 6.62
CA THR A 168 -11.49 -13.23 5.47
C THR A 168 -12.88 -13.87 5.55
N PHE A 169 -13.35 -14.11 6.78
CA PHE A 169 -14.67 -14.70 7.01
C PHE A 169 -15.70 -13.72 6.47
N VAL A 170 -15.55 -12.45 6.84
CA VAL A 170 -16.44 -11.41 6.38
C VAL A 170 -16.27 -11.23 4.88
N GLU A 171 -15.03 -11.15 4.43
CA GLU A 171 -14.73 -10.99 3.01
C GLU A 171 -15.46 -12.06 2.21
N THR A 172 -15.43 -13.28 2.71
CA THR A 172 -16.11 -14.38 2.01
C THR A 172 -17.63 -14.18 1.98
N ALA A 173 -18.20 -13.75 3.10
CA ALA A 173 -19.63 -13.55 3.20
C ALA A 173 -20.11 -12.32 2.41
N THR A 174 -19.19 -11.45 2.04
CA THR A 174 -19.58 -10.26 1.28
C THR A 174 -18.92 -10.21 -0.09
N GLN A 175 -18.05 -11.18 -0.36
CA GLN A 175 -17.32 -11.17 -1.63
C GLN A 175 -16.79 -9.75 -1.85
N THR A 176 -16.19 -9.19 -0.82
CA THR A 176 -15.63 -7.85 -0.91
C THR A 176 -14.23 -7.83 -0.29
N LYS A 177 -13.27 -7.30 -1.04
CA LYS A 177 -11.91 -7.23 -0.54
C LYS A 177 -11.86 -6.09 0.47
N PRO A 178 -11.17 -6.30 1.60
CA PRO A 178 -11.09 -5.25 2.61
C PRO A 178 -9.86 -4.37 2.40
N VAL A 179 -9.88 -3.19 2.99
CA VAL A 179 -8.73 -2.30 2.93
C VAL A 179 -7.97 -2.72 4.18
N TYR A 180 -6.78 -3.28 4.00
CA TYR A 180 -5.98 -3.69 5.16
C TYR A 180 -5.15 -2.51 5.68
N ILE A 181 -5.02 -2.43 6.99
CA ILE A 181 -4.31 -1.35 7.65
C ILE A 181 -2.94 -1.76 8.17
N GLY A 182 -2.93 -2.88 8.90
CA GLY A 182 -1.70 -3.38 9.51
C GLY A 182 -0.58 -3.81 8.60
N LYS A 183 0.52 -4.20 9.22
CA LYS A 183 1.69 -4.65 8.49
C LYS A 183 1.27 -5.83 7.64
N PRO A 184 1.87 -5.99 6.44
CA PRO A 184 2.89 -5.16 5.81
C PRO A 184 2.37 -4.02 4.96
N LYS A 185 1.12 -3.64 5.14
CA LYS A 185 0.54 -2.58 4.33
C LYS A 185 1.11 -1.17 4.57
N ALA A 186 1.12 -0.39 3.51
CA ALA A 186 1.63 0.97 3.54
C ALA A 186 0.98 1.87 4.59
N ILE A 187 -0.35 1.87 4.63
CA ILE A 187 -1.09 2.71 5.58
C ILE A 187 -0.44 2.83 6.95
N ILE A 188 -0.27 1.71 7.66
CA ILE A 188 0.32 1.77 8.98
C ILE A 188 1.78 2.23 8.89
N MET A 189 2.50 1.75 7.88
CA MET A 189 3.91 2.13 7.72
C MET A 189 4.09 3.62 7.45
N GLU A 190 3.25 4.18 6.58
CA GLU A 190 3.33 5.60 6.27
C GLU A 190 3.14 6.40 7.55
N ARG A 191 2.13 6.01 8.32
CA ARG A 191 1.85 6.69 9.58
C ARG A 191 3.00 6.50 10.56
N ALA A 192 3.56 5.31 10.62
CA ALA A 192 4.66 5.00 11.52
C ALA A 192 5.85 5.93 11.26
N ILE A 193 6.26 6.00 10.01
CA ILE A 193 7.37 6.87 9.64
C ILE A 193 7.01 8.30 10.00
N ALA A 194 5.71 8.59 9.99
CA ALA A 194 5.23 9.92 10.31
C ALA A 194 5.55 10.22 11.77
N HIS A 195 5.31 9.24 12.64
CA HIS A 195 5.58 9.41 14.06
C HIS A 195 7.05 9.32 14.38
N LEU A 196 7.72 8.33 13.84
CA LEU A 196 9.13 8.17 14.11
C LEU A 196 9.76 9.54 13.99
N GLY A 197 9.65 10.16 12.82
CA GLY A 197 10.21 11.49 12.65
C GLY A 197 11.33 11.61 11.63
N VAL A 198 11.85 10.49 11.17
CA VAL A 198 12.93 10.49 10.18
C VAL A 198 12.41 9.82 8.91
N GLU A 199 12.99 10.16 7.75
CA GLU A 199 12.52 9.55 6.51
C GLU A 199 13.11 8.19 6.19
N LYS A 200 12.28 7.37 5.57
CA LYS A 200 12.59 6.00 5.18
C LYS A 200 14.04 5.66 4.87
N GLU A 201 14.70 6.47 4.04
CA GLU A 201 16.08 6.19 3.65
C GLU A 201 16.99 5.87 4.84
N GLN A 202 16.73 6.48 5.99
CA GLN A 202 17.55 6.26 7.17
C GLN A 202 16.79 5.63 8.32
N VAL A 203 15.81 4.83 7.97
CA VAL A 203 15.01 4.15 8.95
C VAL A 203 15.10 2.66 8.66
N ILE A 204 14.86 1.82 9.66
CA ILE A 204 14.93 0.38 9.45
C ILE A 204 13.92 -0.37 10.31
N MET A 205 13.20 -1.29 9.68
CA MET A 205 12.18 -2.10 10.37
C MET A 205 12.85 -3.30 11.04
N VAL A 206 12.57 -3.51 12.32
CA VAL A 206 13.15 -4.60 13.07
C VAL A 206 12.06 -5.56 13.53
N GLY A 207 12.29 -6.86 13.35
CA GLY A 207 11.28 -7.82 13.76
C GLY A 207 11.70 -9.28 13.67
N ASP A 208 10.85 -10.14 14.22
CA ASP A 208 11.13 -11.56 14.25
C ASP A 208 10.36 -12.32 13.18
N ASN A 209 9.23 -11.76 12.78
CA ASN A 209 8.37 -12.39 11.78
C ASN A 209 8.63 -11.86 10.36
N TYR A 210 8.77 -12.78 9.42
CA TYR A 210 9.05 -12.43 8.04
C TYR A 210 7.85 -11.95 7.25
N GLU A 211 6.71 -12.62 7.45
CA GLU A 211 5.46 -12.30 6.76
C GLU A 211 4.90 -10.91 7.05
N THR A 212 5.13 -10.41 8.25
CA THR A 212 4.61 -9.09 8.60
C THR A 212 5.70 -8.05 8.75
N ASP A 213 6.67 -8.33 9.61
CA ASP A 213 7.73 -7.38 9.86
C ASP A 213 8.68 -7.12 8.67
N ILE A 214 9.37 -8.13 8.21
CA ILE A 214 10.30 -7.95 7.10
C ILE A 214 9.60 -7.50 5.82
N GLN A 215 8.35 -7.91 5.65
CA GLN A 215 7.60 -7.52 4.46
C GLN A 215 7.24 -6.05 4.56
N SER A 216 6.99 -5.58 5.78
CA SER A 216 6.68 -4.17 5.97
C SER A 216 7.76 -3.33 5.30
N GLY A 217 8.99 -3.80 5.42
CA GLY A 217 10.11 -3.08 4.83
C GLY A 217 10.18 -3.21 3.32
N ILE A 218 10.11 -4.44 2.84
CA ILE A 218 10.19 -4.69 1.40
C ILE A 218 9.05 -4.03 0.64
N GLN A 219 7.84 -4.11 1.19
CA GLN A 219 6.67 -3.53 0.55
C GLN A 219 6.74 -2.00 0.48
N ASN A 220 7.40 -1.38 1.45
CA ASN A 220 7.42 0.07 1.49
C ASN A 220 8.73 0.83 1.33
N GLY A 221 9.77 0.17 0.86
CA GLY A 221 11.02 0.87 0.67
C GLY A 221 11.69 1.25 1.96
N ILE A 222 11.82 0.29 2.86
CA ILE A 222 12.47 0.52 4.13
C ILE A 222 13.35 -0.67 4.46
N ASP A 223 14.60 -0.41 4.84
CA ASP A 223 15.52 -1.48 5.18
C ASP A 223 14.96 -2.29 6.33
N SER A 224 15.23 -3.59 6.27
CA SER A 224 14.74 -4.49 7.30
C SER A 224 15.86 -5.28 7.94
N LEU A 225 15.63 -5.63 9.20
CA LEU A 225 16.55 -6.40 10.03
C LEU A 225 15.77 -7.54 10.65
N LEU A 226 16.10 -8.78 10.28
CA LEU A 226 15.40 -9.95 10.82
C LEU A 226 16.12 -10.55 12.03
N VAL A 227 15.36 -10.92 13.05
CA VAL A 227 15.93 -11.55 14.24
C VAL A 227 15.30 -12.92 14.34
N THR A 228 16.11 -13.97 14.17
CA THR A 228 15.59 -15.33 14.22
C THR A 228 15.21 -15.84 15.62
N SER A 229 14.75 -14.93 16.48
CA SER A 229 14.36 -15.30 17.85
C SER A 229 12.87 -15.63 17.99
N GLY A 230 12.08 -15.17 17.03
CA GLY A 230 10.65 -15.42 17.06
C GLY A 230 10.21 -16.51 16.08
N PHE A 231 9.12 -16.23 15.36
CA PHE A 231 8.56 -17.16 14.38
C PHE A 231 9.61 -17.81 13.48
N THR A 232 9.84 -17.22 12.30
CA THR A 232 10.81 -17.75 11.35
C THR A 232 12.19 -18.08 11.95
N PRO A 233 12.55 -19.37 11.94
CA PRO A 233 13.82 -19.91 12.47
C PRO A 233 15.01 -19.45 11.64
N LYS A 234 16.21 -19.56 12.20
CA LYS A 234 17.40 -19.16 11.45
C LYS A 234 17.71 -20.22 10.41
N SER A 235 16.85 -21.23 10.36
CA SER A 235 16.99 -22.32 9.40
C SER A 235 16.35 -21.86 8.09
N ALA A 236 15.20 -21.23 8.22
CA ALA A 236 14.45 -20.73 7.08
C ALA A 236 15.04 -19.46 6.47
N VAL A 237 16.07 -18.90 7.09
CA VAL A 237 16.71 -17.70 6.57
C VAL A 237 16.98 -17.91 5.08
N PRO A 238 17.53 -19.08 4.70
CA PRO A 238 17.77 -19.31 3.27
C PRO A 238 16.38 -19.78 2.82
N THR A 239 16.08 -19.70 1.53
CA THR A 239 14.76 -20.12 1.04
C THR A 239 13.76 -18.97 1.09
N LEU A 240 13.99 -18.01 1.99
CA LEU A 240 13.09 -16.86 2.10
C LEU A 240 13.00 -16.25 0.70
N PRO A 241 11.78 -16.02 0.21
CA PRO A 241 11.57 -15.43 -1.12
C PRO A 241 12.49 -14.26 -1.43
N THR A 242 12.75 -13.45 -0.43
CA THR A 242 13.61 -12.31 -0.61
C THR A 242 14.29 -12.07 0.73
N PRO A 243 15.62 -11.92 0.70
CA PRO A 243 16.39 -11.68 1.93
C PRO A 243 16.20 -10.32 2.58
N PRO A 244 16.14 -10.28 3.91
CA PRO A 244 15.99 -9.01 4.60
C PRO A 244 17.32 -8.27 4.49
N THR A 245 17.31 -6.95 4.65
CA THR A 245 18.55 -6.17 4.55
C THR A 245 19.66 -6.74 5.44
N TYR A 246 19.30 -7.25 6.61
CA TYR A 246 20.26 -7.82 7.54
C TYR A 246 19.64 -8.96 8.33
N VAL A 247 20.47 -9.91 8.74
CA VAL A 247 19.99 -11.04 9.51
C VAL A 247 20.86 -11.27 10.73
N VAL A 248 20.22 -11.27 11.89
CA VAL A 248 20.92 -11.46 13.16
C VAL A 248 20.17 -12.47 14.02
N ASP A 249 20.90 -13.33 14.73
CA ASP A 249 20.26 -14.35 15.57
C ASP A 249 19.88 -13.77 16.94
N SER A 250 20.41 -12.59 17.24
CA SER A 250 20.15 -11.89 18.48
C SER A 250 20.42 -10.39 18.30
N LEU A 251 19.54 -9.56 18.83
CA LEU A 251 19.72 -8.11 18.71
C LEU A 251 21.03 -7.62 19.32
N ASP A 252 21.65 -8.48 20.13
CA ASP A 252 22.92 -8.12 20.77
C ASP A 252 24.01 -8.00 19.72
N GLU A 253 23.79 -8.64 18.58
CA GLU A 253 24.78 -8.62 17.51
C GLU A 253 24.60 -7.41 16.61
N TRP A 254 23.59 -6.59 16.90
CA TRP A 254 23.37 -5.40 16.10
C TRP A 254 23.94 -4.17 16.77
N THR A 255 24.85 -3.48 16.08
CA THR A 255 25.46 -2.29 16.63
C THR A 255 24.95 -1.04 15.93
N PHE A 256 24.55 -0.05 16.71
CA PHE A 256 24.03 1.20 16.18
C PHE A 256 25.13 2.06 15.53
N GLU A 257 26.12 1.42 14.94
CA GLU A 257 27.22 2.11 14.26
C GLU A 257 27.33 1.47 12.89
N GLY A 258 26.60 0.36 12.74
CA GLY A 258 26.56 -0.39 11.49
C GLY A 258 25.19 -1.03 11.26
N SER B 2 -11.41 27.58 -5.75
CA SER B 2 -10.52 26.48 -5.39
C SER B 2 -9.87 26.75 -4.03
N LEU B 3 -10.67 26.48 -3.06
CA LEU B 3 -10.47 26.49 -1.61
C LEU B 3 -10.55 25.08 -1.03
N ASP B 4 -11.46 24.40 -1.74
CA ASP B 4 -11.77 23.00 -1.54
C ASP B 4 -10.57 22.14 -1.92
N TYR B 5 -10.41 21.84 -3.29
CA TYR B 5 -9.28 21.05 -3.76
C TYR B 5 -8.20 21.95 -4.29
N GLN B 6 -6.99 21.71 -3.81
CA GLN B 6 -5.85 22.51 -4.21
C GLN B 6 -4.90 21.78 -5.14
N GLY B 7 -5.08 20.47 -5.24
CA GLY B 7 -4.22 19.70 -6.11
C GLY B 7 -4.96 18.56 -6.78
N TYR B 8 -4.77 18.40 -8.08
CA TYR B 8 -5.44 17.34 -8.81
C TYR B 8 -4.52 16.29 -9.41
N LEU B 9 -4.99 15.05 -9.38
CA LEU B 9 -4.28 13.89 -9.93
C LEU B 9 -5.25 13.39 -11.00
N ILE B 10 -4.82 13.33 -12.26
CA ILE B 10 -5.69 12.89 -13.34
C ILE B 10 -5.17 11.71 -14.15
N ASP B 11 -6.09 10.86 -14.58
CA ASP B 11 -5.76 9.71 -15.40
C ASP B 11 -5.73 10.22 -16.84
N LEU B 12 -5.14 9.45 -17.73
CA LEU B 12 -5.06 9.86 -19.13
C LEU B 12 -6.00 9.12 -20.05
N ASP B 13 -5.62 7.92 -20.46
CA ASP B 13 -6.46 7.15 -21.36
C ASP B 13 -7.84 7.01 -20.73
N GLY B 14 -8.88 7.27 -21.53
CA GLY B 14 -10.23 7.17 -21.04
C GLY B 14 -10.73 8.36 -20.24
N THR B 15 -9.90 9.40 -20.14
CA THR B 15 -10.28 10.58 -19.37
C THR B 15 -9.95 11.86 -20.15
N ILE B 16 -8.74 11.93 -20.69
CA ILE B 16 -8.33 13.09 -21.47
C ILE B 16 -8.50 12.74 -22.94
N TYR B 17 -8.28 11.47 -23.26
CA TYR B 17 -8.44 10.99 -24.62
C TYR B 17 -8.83 9.51 -24.60
N LEU B 18 -9.48 9.07 -25.66
CA LEU B 18 -9.87 7.67 -25.78
C LEU B 18 -9.25 7.19 -27.07
N GLY B 19 -8.12 6.52 -26.99
CA GLY B 19 -7.46 6.05 -28.18
C GLY B 19 -6.90 7.23 -28.94
N LYS B 20 -7.32 7.38 -30.19
CA LYS B 20 -6.85 8.49 -31.01
C LYS B 20 -7.88 9.63 -30.99
N GLU B 21 -9.03 9.37 -30.37
CA GLU B 21 -10.07 10.39 -30.30
C GLU B 21 -10.01 11.13 -28.97
N PRO B 22 -9.97 12.46 -29.02
CA PRO B 22 -9.90 13.29 -27.82
C PRO B 22 -11.24 13.47 -27.11
N ILE B 23 -11.17 13.69 -25.81
CA ILE B 23 -12.34 13.94 -24.99
C ILE B 23 -12.42 15.46 -24.83
N PRO B 24 -13.32 16.13 -25.56
CA PRO B 24 -13.42 17.58 -25.43
C PRO B 24 -13.37 18.05 -23.97
N ALA B 25 -14.34 17.62 -23.17
CA ALA B 25 -14.40 17.99 -21.77
C ALA B 25 -13.08 17.78 -21.06
N GLY B 26 -12.32 16.78 -21.51
CA GLY B 26 -11.03 16.52 -20.91
C GLY B 26 -10.11 17.71 -21.13
N LYS B 27 -10.02 18.15 -22.37
CA LYS B 27 -9.17 19.28 -22.73
C LYS B 27 -9.58 20.53 -21.97
N ARG B 28 -10.86 20.88 -22.02
CA ARG B 28 -11.33 22.05 -21.30
C ARG B 28 -10.94 21.93 -19.84
N PHE B 29 -11.08 20.72 -19.30
CA PHE B 29 -10.72 20.48 -17.92
C PHE B 29 -9.31 20.97 -17.62
N VAL B 30 -8.34 20.59 -18.46
CA VAL B 30 -6.96 21.00 -18.29
C VAL B 30 -6.80 22.52 -18.42
N GLU B 31 -7.43 23.07 -19.46
CA GLU B 31 -7.36 24.50 -19.73
C GLU B 31 -7.80 25.34 -18.55
N ARG B 32 -8.83 24.88 -17.84
CA ARG B 32 -9.32 25.61 -16.69
C ARG B 32 -8.37 25.45 -15.51
N LEU B 33 -7.73 24.28 -15.42
CA LEU B 33 -6.76 24.04 -14.35
C LEU B 33 -5.53 24.92 -14.52
N GLN B 34 -5.17 25.16 -15.77
CA GLN B 34 -4.00 25.97 -16.06
C GLN B 34 -4.35 27.45 -15.91
N GLU B 35 -5.55 27.81 -16.32
CA GLU B 35 -5.99 29.21 -16.22
C GLU B 35 -6.16 29.66 -14.78
N LYS B 36 -6.38 28.71 -13.88
CA LYS B 36 -6.56 29.05 -12.47
C LYS B 36 -5.30 28.81 -11.68
N ASP B 37 -4.24 28.39 -12.38
CA ASP B 37 -2.97 28.14 -11.74
C ASP B 37 -3.06 26.98 -10.78
N LEU B 38 -4.10 26.17 -10.92
CA LEU B 38 -4.20 25.01 -10.04
C LEU B 38 -3.27 23.88 -10.48
N PRO B 39 -2.36 23.47 -9.60
CA PRO B 39 -1.40 22.41 -9.88
C PRO B 39 -2.07 21.06 -10.09
N PHE B 40 -1.57 20.29 -11.03
CA PHE B 40 -2.14 18.99 -11.32
C PHE B 40 -1.06 18.05 -11.84
N LEU B 41 -1.33 16.75 -11.82
CA LEU B 41 -0.35 15.77 -12.26
C LEU B 41 -1.00 14.57 -12.93
N PHE B 42 -0.56 14.26 -14.14
CA PHE B 42 -1.08 13.10 -14.86
C PHE B 42 -0.44 11.83 -14.33
N VAL B 43 -1.25 10.82 -14.02
CA VAL B 43 -0.72 9.55 -13.54
C VAL B 43 -1.42 8.40 -14.26
N THR B 44 -0.62 7.63 -15.00
CA THR B 44 -1.12 6.51 -15.77
C THR B 44 -0.38 5.22 -15.47
N ASN B 45 -1.07 4.09 -15.60
CA ASN B 45 -0.44 2.81 -15.37
C ASN B 45 0.19 2.36 -16.69
N ASN B 46 -0.09 3.12 -17.75
CA ASN B 46 0.43 2.83 -19.07
C ASN B 46 1.95 3.01 -19.06
N THR B 47 2.68 1.98 -19.45
CA THR B 47 4.12 2.08 -19.45
C THR B 47 4.73 2.07 -20.85
N THR B 48 3.89 2.01 -21.89
CA THR B 48 4.38 1.95 -23.26
C THR B 48 5.01 3.22 -23.82
N LYS B 49 5.06 4.30 -23.04
CA LYS B 49 5.64 5.55 -23.53
C LYS B 49 6.24 6.38 -22.40
N SER B 50 7.29 7.12 -22.74
CA SER B 50 7.96 7.97 -21.77
C SER B 50 7.12 9.22 -21.56
N PRO B 51 7.32 9.88 -20.41
CA PRO B 51 6.59 11.11 -20.07
C PRO B 51 6.78 12.14 -21.19
N GLU B 52 7.96 12.12 -21.80
CA GLU B 52 8.32 13.02 -22.88
C GLU B 52 7.46 12.73 -24.12
N THR B 53 7.42 11.46 -24.50
CA THR B 53 6.63 11.00 -25.65
C THR B 53 5.16 11.39 -25.44
N VAL B 54 4.65 11.10 -24.25
CA VAL B 54 3.27 11.39 -23.93
C VAL B 54 2.98 12.87 -24.06
N ALA B 55 3.79 13.68 -23.38
CA ALA B 55 3.62 15.14 -23.40
C ALA B 55 3.63 15.70 -24.83
N GLN B 56 4.56 15.20 -25.65
CA GLN B 56 4.66 15.63 -27.03
C GLN B 56 3.31 15.36 -27.71
N ARG B 57 2.91 14.08 -27.71
CA ARG B 57 1.64 13.67 -28.31
C ARG B 57 0.49 14.52 -27.80
N LEU B 58 0.48 14.72 -26.49
CA LEU B 58 -0.54 15.50 -25.81
C LEU B 58 -0.62 16.91 -26.36
N ALA B 59 0.53 17.51 -26.62
CA ALA B 59 0.59 18.87 -27.13
C ALA B 59 0.34 19.02 -28.62
N ASN B 60 1.01 18.19 -29.43
CA ASN B 60 0.87 18.28 -30.87
C ASN B 60 -0.21 17.45 -31.53
N GLU B 61 -0.97 16.69 -30.74
CA GLU B 61 -2.04 15.87 -31.31
C GLU B 61 -3.35 16.07 -30.59
N PHE B 62 -3.29 16.67 -29.41
CA PHE B 62 -4.51 16.89 -28.64
C PHE B 62 -4.63 18.32 -28.15
N ASP B 63 -3.64 19.13 -28.50
CA ASP B 63 -3.63 20.53 -28.12
C ASP B 63 -3.72 20.69 -26.60
N ILE B 64 -2.83 20.02 -25.91
CA ILE B 64 -2.77 20.08 -24.45
C ILE B 64 -1.28 20.22 -24.17
N HIS B 65 -0.91 21.41 -23.74
CA HIS B 65 0.47 21.75 -23.49
C HIS B 65 0.87 21.64 -22.04
N VAL B 66 1.81 20.75 -21.79
CA VAL B 66 2.30 20.48 -20.46
C VAL B 66 3.73 19.98 -20.49
N PRO B 67 4.54 20.35 -19.50
CA PRO B 67 5.91 19.86 -19.53
C PRO B 67 5.86 18.36 -19.24
N ALA B 68 6.81 17.61 -19.78
CA ALA B 68 6.83 16.17 -19.57
C ALA B 68 6.85 15.81 -18.10
N SER B 69 7.36 16.72 -17.27
CA SER B 69 7.44 16.49 -15.82
C SER B 69 6.07 16.36 -15.16
N LEU B 70 5.02 16.69 -15.88
CA LEU B 70 3.68 16.58 -15.33
C LEU B 70 2.99 15.30 -15.78
N VAL B 71 3.79 14.35 -16.25
CA VAL B 71 3.25 13.06 -16.64
C VAL B 71 3.96 12.00 -15.82
N TYR B 72 3.30 11.51 -14.77
CA TYR B 72 3.91 10.47 -13.94
C TYR B 72 3.40 9.08 -14.38
N THR B 73 4.36 8.21 -14.67
CA THR B 73 4.11 6.87 -15.16
C THR B 73 4.44 5.78 -14.16
N ALA B 74 3.82 4.61 -14.34
CA ALA B 74 4.09 3.47 -13.46
C ALA B 74 5.57 3.14 -13.58
N THR B 75 6.12 3.30 -14.78
CA THR B 75 7.54 3.04 -15.02
C THR B 75 8.37 3.87 -14.05
N LEU B 76 8.18 5.19 -14.07
CA LEU B 76 8.91 6.08 -13.18
C LEU B 76 8.78 5.57 -11.75
N ALA B 77 7.55 5.23 -11.36
CA ALA B 77 7.29 4.73 -10.02
C ALA B 77 8.03 3.41 -9.79
N THR B 78 8.19 2.62 -10.86
CA THR B 78 8.88 1.34 -10.74
C THR B 78 10.38 1.51 -10.52
N ILE B 79 11.01 2.38 -11.31
CA ILE B 79 12.45 2.57 -11.15
C ILE B 79 12.71 3.24 -9.79
N ASP B 80 11.80 4.09 -9.36
CA ASP B 80 11.94 4.76 -8.06
C ASP B 80 11.96 3.72 -6.95
N TYR B 81 11.04 2.78 -7.03
CA TYR B 81 10.97 1.71 -6.05
C TYR B 81 12.24 0.85 -6.07
N MET B 82 12.70 0.50 -7.27
CA MET B 82 13.90 -0.33 -7.38
C MET B 82 15.10 0.33 -6.72
N LYS B 83 15.29 1.62 -6.97
CA LYS B 83 16.41 2.31 -6.36
C LYS B 83 16.21 2.37 -4.85
N GLU B 84 15.00 2.72 -4.43
CA GLU B 84 14.67 2.80 -3.02
C GLU B 84 14.93 1.46 -2.35
N ALA B 85 14.54 0.37 -3.01
CA ALA B 85 14.75 -0.98 -2.45
C ALA B 85 16.24 -1.21 -2.31
N ASN B 86 16.99 -0.55 -3.18
CA ASN B 86 18.44 -0.62 -3.17
C ASN B 86 19.09 -2.01 -3.12
N ARG B 87 18.63 -2.92 -3.97
CA ARG B 87 19.23 -4.24 -4.05
C ARG B 87 20.22 -4.08 -5.19
N GLY B 88 20.63 -5.16 -5.84
CA GLY B 88 21.57 -4.99 -6.93
C GLY B 88 21.15 -4.06 -8.07
N LYS B 89 21.93 -4.04 -9.13
CA LYS B 89 21.66 -3.23 -10.31
C LYS B 89 21.23 -4.12 -11.49
N LYS B 90 21.34 -5.43 -11.30
CA LYS B 90 20.95 -6.38 -12.31
C LYS B 90 19.44 -6.48 -12.37
N VAL B 91 18.90 -6.54 -13.58
CA VAL B 91 17.46 -6.63 -13.75
C VAL B 91 17.07 -7.45 -14.97
N PHE B 92 15.91 -8.09 -14.87
CA PHE B 92 15.31 -8.85 -15.98
C PHE B 92 13.90 -8.30 -16.09
N VAL B 93 13.45 -7.98 -17.29
CA VAL B 93 12.11 -7.39 -17.45
C VAL B 93 11.25 -8.03 -18.53
N ILE B 94 9.95 -8.04 -18.31
CA ILE B 94 9.01 -8.57 -19.29
C ILE B 94 8.03 -7.44 -19.66
N GLY B 95 8.09 -6.97 -20.90
CA GLY B 95 7.19 -5.93 -21.31
C GLY B 95 7.58 -5.29 -22.62
N GLU B 96 6.95 -4.16 -22.92
CA GLU B 96 7.23 -3.44 -24.14
C GLU B 96 8.51 -2.63 -23.99
N ALA B 97 9.11 -2.28 -25.14
CA ALA B 97 10.34 -1.50 -25.18
C ALA B 97 10.33 -0.38 -24.15
N GLY B 98 9.35 0.51 -24.27
CA GLY B 98 9.24 1.62 -23.36
C GLY B 98 9.58 1.29 -21.92
N LEU B 99 8.94 0.25 -21.38
CA LEU B 99 9.21 -0.16 -20.02
C LEU B 99 10.66 -0.61 -19.88
N ILE B 100 11.08 -1.52 -20.75
CA ILE B 100 12.43 -2.03 -20.69
C ILE B 100 13.49 -0.95 -20.85
N ASP B 101 13.31 -0.09 -21.85
CA ASP B 101 14.27 0.96 -22.13
C ASP B 101 14.49 1.93 -20.96
N LEU B 102 13.42 2.54 -20.44
CA LEU B 102 13.62 3.47 -19.33
C LEU B 102 14.32 2.85 -18.15
N ILE B 103 14.01 1.59 -17.86
CA ILE B 103 14.65 0.93 -16.74
C ILE B 103 16.12 0.78 -17.05
N LEU B 104 16.44 0.38 -18.27
CA LEU B 104 17.85 0.24 -18.63
C LEU B 104 18.49 1.62 -18.80
N GLU B 105 17.71 2.58 -19.30
CA GLU B 105 18.22 3.93 -19.47
C GLU B 105 18.56 4.53 -18.12
N ALA B 106 17.97 3.98 -17.05
CA ALA B 106 18.26 4.45 -15.71
C ALA B 106 19.64 3.85 -15.48
N GLY B 107 19.91 3.31 -14.30
CA GLY B 107 21.23 2.73 -14.11
C GLY B 107 21.25 1.22 -14.00
N PHE B 108 20.23 0.55 -14.53
CA PHE B 108 20.18 -0.90 -14.39
C PHE B 108 20.83 -1.68 -15.51
N GLU B 109 21.13 -2.94 -15.21
CA GLU B 109 21.79 -3.82 -16.17
C GLU B 109 20.99 -5.08 -16.46
N TRP B 110 20.84 -5.37 -17.75
CA TRP B 110 20.11 -6.55 -18.22
C TRP B 110 20.76 -7.86 -17.82
N ASP B 111 20.07 -8.67 -17.02
CA ASP B 111 20.60 -9.94 -16.57
C ASP B 111 19.49 -11.00 -16.50
N GLU B 112 19.55 -11.96 -17.43
CA GLU B 112 18.55 -13.03 -17.52
C GLU B 112 18.80 -14.24 -16.63
N THR B 113 20.03 -14.40 -16.18
CA THR B 113 20.38 -15.56 -15.38
C THR B 113 20.11 -15.45 -13.89
N ASN B 114 20.64 -14.40 -13.29
CA ASN B 114 20.46 -14.19 -11.86
C ASN B 114 20.47 -12.70 -11.58
N PRO B 115 19.38 -12.01 -11.95
CA PRO B 115 19.22 -10.56 -11.76
C PRO B 115 18.70 -10.30 -10.36
N ASP B 116 18.83 -9.07 -9.90
CA ASP B 116 18.38 -8.72 -8.56
C ASP B 116 16.89 -8.42 -8.52
N TYR B 117 16.36 -7.97 -9.65
CA TYR B 117 14.95 -7.66 -9.76
C TYR B 117 14.41 -8.26 -11.04
N VAL B 118 13.15 -8.67 -11.01
CA VAL B 118 12.48 -9.23 -12.18
C VAL B 118 11.21 -8.41 -12.31
N VAL B 119 11.19 -7.48 -13.25
CA VAL B 119 10.02 -6.64 -13.42
C VAL B 119 9.11 -7.23 -14.49
N VAL B 120 7.85 -7.45 -14.14
CA VAL B 120 6.87 -8.01 -15.08
C VAL B 120 5.74 -7.03 -15.42
N GLY B 121 5.58 -6.74 -16.71
CA GLY B 121 4.52 -5.87 -17.14
C GLY B 121 3.77 -6.58 -18.26
N LEU B 122 3.01 -5.84 -19.07
CA LEU B 122 2.30 -6.46 -20.17
C LEU B 122 3.21 -6.48 -21.38
N ASP B 123 3.35 -7.65 -21.99
CA ASP B 123 4.17 -7.81 -23.19
C ASP B 123 3.28 -8.49 -24.22
N THR B 124 2.97 -7.80 -25.30
CA THR B 124 2.10 -8.33 -26.35
C THR B 124 2.79 -9.38 -27.21
N GLU B 125 4.10 -9.54 -26.99
CA GLU B 125 4.83 -10.55 -27.74
C GLU B 125 5.36 -11.52 -26.70
N LEU B 126 4.62 -11.67 -25.60
CA LEU B 126 5.02 -12.57 -24.54
C LEU B 126 5.21 -14.00 -25.10
N SER B 127 6.15 -14.74 -24.52
CA SER B 127 6.41 -16.11 -24.95
C SER B 127 6.61 -17.00 -23.73
N TYR B 128 6.53 -18.32 -23.93
CA TYR B 128 6.70 -19.26 -22.83
C TYR B 128 8.11 -19.15 -22.28
N GLU B 129 9.08 -19.00 -23.18
CA GLU B 129 10.48 -18.88 -22.79
C GLU B 129 10.68 -17.74 -21.79
N LYS B 130 10.09 -16.58 -22.10
CA LYS B 130 10.20 -15.43 -21.24
C LYS B 130 9.79 -15.70 -19.81
N VAL B 131 8.60 -16.28 -19.61
CA VAL B 131 8.14 -16.54 -18.25
C VAL B 131 9.01 -17.60 -17.59
N VAL B 132 9.73 -18.37 -18.41
CA VAL B 132 10.62 -19.39 -17.89
C VAL B 132 11.79 -18.66 -17.22
N LEU B 133 12.44 -17.78 -17.97
CA LEU B 133 13.58 -17.01 -17.46
C LEU B 133 13.25 -16.28 -16.16
N ALA B 134 12.06 -15.70 -16.10
CA ALA B 134 11.66 -14.98 -14.91
C ALA B 134 11.44 -15.95 -13.74
N THR B 135 10.78 -17.07 -14.03
CA THR B 135 10.50 -18.07 -13.00
C THR B 135 11.82 -18.47 -12.34
N LEU B 136 12.77 -18.91 -13.16
CA LEU B 136 14.08 -19.31 -12.68
C LEU B 136 14.76 -18.22 -11.85
N ALA B 137 14.83 -17.02 -12.42
CA ALA B 137 15.44 -15.89 -11.75
C ALA B 137 14.80 -15.59 -10.41
N ILE B 138 13.47 -15.67 -10.35
CA ILE B 138 12.77 -15.40 -9.11
C ILE B 138 13.06 -16.53 -8.13
N GLN B 139 13.20 -17.74 -8.66
CA GLN B 139 13.49 -18.88 -7.80
C GLN B 139 14.85 -18.69 -7.11
N LYS B 140 15.75 -17.96 -7.76
CA LYS B 140 17.08 -17.73 -7.21
C LYS B 140 17.19 -16.57 -6.22
N GLY B 141 16.08 -15.90 -5.93
CA GLY B 141 16.13 -14.79 -4.98
C GLY B 141 15.64 -13.45 -5.50
N ALA B 142 15.69 -13.26 -6.82
CA ALA B 142 15.26 -12.00 -7.42
C ALA B 142 13.93 -11.53 -6.87
N LEU B 143 13.83 -10.21 -6.65
CA LEU B 143 12.61 -9.59 -6.16
C LEU B 143 11.64 -9.50 -7.33
N PHE B 144 10.44 -10.00 -7.11
CA PHE B 144 9.40 -10.04 -8.13
C PHE B 144 8.57 -8.77 -8.09
N ILE B 145 8.58 -8.03 -9.20
CA ILE B 145 7.83 -6.79 -9.29
C ILE B 145 6.77 -6.80 -10.39
N GLY B 146 5.56 -6.40 -10.04
CA GLY B 146 4.47 -6.33 -11.00
C GLY B 146 4.15 -4.88 -11.26
N THR B 147 4.12 -4.49 -12.52
CA THR B 147 3.85 -3.10 -12.90
C THR B 147 2.50 -2.59 -12.41
N ASN B 148 1.42 -3.30 -12.73
CA ASN B 148 0.10 -2.93 -12.26
C ASN B 148 -0.79 -4.17 -12.29
N PRO B 149 -1.73 -4.28 -11.33
CA PRO B 149 -2.68 -5.38 -11.15
C PRO B 149 -3.84 -5.56 -12.13
N ASP B 150 -4.15 -4.54 -12.92
CA ASP B 150 -5.26 -4.65 -13.87
C ASP B 150 -5.18 -5.96 -14.65
N LYS B 151 -6.24 -6.76 -14.54
CA LYS B 151 -6.29 -8.05 -15.22
C LYS B 151 -6.47 -7.99 -16.73
N ASN B 152 -7.20 -6.98 -17.20
CA ASN B 152 -7.46 -6.85 -18.62
C ASN B 152 -6.99 -5.50 -19.15
N ILE B 153 -7.05 -5.33 -20.46
CA ILE B 153 -6.67 -4.09 -21.12
C ILE B 153 -7.57 -3.89 -22.36
N PRO B 154 -8.11 -2.68 -22.56
CA PRO B 154 -8.99 -2.36 -23.69
C PRO B 154 -8.23 -2.02 -24.95
N THR B 155 -8.73 -2.52 -26.08
CA THR B 155 -8.07 -2.28 -27.34
C THR B 155 -9.08 -2.37 -28.45
N GLU B 156 -8.57 -2.28 -29.67
CA GLU B 156 -9.39 -2.36 -30.86
C GLU B 156 -10.14 -3.69 -30.84
N ARG B 157 -9.40 -4.76 -30.53
CA ARG B 157 -9.96 -6.11 -30.47
C ARG B 157 -10.91 -6.37 -29.31
N GLY B 158 -10.82 -5.56 -28.26
CA GLY B 158 -11.70 -5.72 -27.13
C GLY B 158 -10.98 -5.79 -25.79
N LEU B 159 -11.52 -6.57 -24.86
CA LEU B 159 -10.89 -6.74 -23.55
C LEU B 159 -9.86 -7.86 -23.58
N LEU B 160 -8.60 -7.52 -23.81
CA LEU B 160 -7.55 -8.52 -23.86
C LEU B 160 -6.87 -8.63 -22.50
N PRO B 161 -6.01 -9.66 -22.33
CA PRO B 161 -5.30 -9.87 -21.07
C PRO B 161 -4.31 -8.74 -20.79
N GLY B 162 -4.38 -8.19 -19.59
CA GLY B 162 -3.50 -7.09 -19.26
C GLY B 162 -2.34 -7.43 -18.36
N ALA B 163 -1.56 -6.41 -18.02
CA ALA B 163 -0.41 -6.58 -17.15
C ALA B 163 -0.69 -7.52 -15.98
N GLY B 164 -1.77 -7.23 -15.24
CA GLY B 164 -2.12 -8.04 -14.09
C GLY B 164 -2.14 -9.53 -14.38
N SER B 165 -2.68 -9.91 -15.53
CA SER B 165 -2.76 -11.32 -15.90
C SER B 165 -1.40 -11.93 -16.12
N VAL B 166 -0.51 -11.21 -16.80
CA VAL B 166 0.82 -11.74 -17.05
C VAL B 166 1.53 -11.91 -15.72
N VAL B 167 1.41 -10.90 -14.86
CA VAL B 167 2.03 -10.97 -13.55
C VAL B 167 1.57 -12.24 -12.86
N THR B 168 0.25 -12.41 -12.79
CA THR B 168 -0.33 -13.59 -12.14
C THR B 168 0.23 -14.91 -12.70
N PHE B 169 0.50 -14.92 -14.00
CA PHE B 169 1.04 -16.09 -14.66
C PHE B 169 2.38 -16.43 -14.04
N VAL B 170 3.24 -15.42 -13.91
CA VAL B 170 4.54 -15.62 -13.30
C VAL B 170 4.36 -15.97 -11.83
N GLU B 171 3.41 -15.31 -11.18
CA GLU B 171 3.13 -15.55 -9.78
C GLU B 171 2.82 -17.03 -9.53
N THR B 172 1.99 -17.63 -10.38
CA THR B 172 1.65 -19.03 -10.23
C THR B 172 2.82 -19.97 -10.50
N ALA B 173 3.67 -19.62 -11.44
CA ALA B 173 4.81 -20.45 -11.77
C ALA B 173 5.85 -20.41 -10.67
N THR B 174 5.93 -19.30 -9.95
CA THR B 174 6.90 -19.14 -8.87
C THR B 174 6.27 -19.25 -7.48
N GLN B 175 4.96 -19.25 -7.43
CA GLN B 175 4.23 -19.28 -6.17
C GLN B 175 4.81 -18.19 -5.27
N THR B 176 4.99 -17.00 -5.85
CA THR B 176 5.53 -15.85 -5.12
C THR B 176 4.70 -14.60 -5.42
N LYS B 177 4.18 -13.97 -4.39
CA LYS B 177 3.40 -12.76 -4.60
C LYS B 177 4.32 -11.62 -5.01
N PRO B 178 3.92 -10.85 -6.03
CA PRO B 178 4.72 -9.73 -6.52
C PRO B 178 4.45 -8.44 -5.74
N VAL B 179 5.35 -7.48 -5.85
CA VAL B 179 5.14 -6.19 -5.21
C VAL B 179 4.56 -5.37 -6.35
N TYR B 180 3.34 -4.90 -6.18
CA TYR B 180 2.71 -4.12 -7.24
C TYR B 180 3.09 -2.65 -7.15
N ILE B 181 3.29 -2.01 -8.30
CA ILE B 181 3.69 -0.63 -8.33
C ILE B 181 2.56 0.35 -8.62
N GLY B 182 1.87 0.12 -9.72
CA GLY B 182 0.80 1.01 -10.16
C GLY B 182 -0.54 1.08 -9.44
N LYS B 183 -1.44 1.86 -10.02
CA LYS B 183 -2.79 2.08 -9.51
C LYS B 183 -3.54 0.78 -9.35
N PRO B 184 -4.28 0.61 -8.24
CA PRO B 184 -4.49 1.54 -7.13
C PRO B 184 -3.49 1.48 -5.97
N LYS B 185 -2.39 0.75 -6.15
CA LYS B 185 -1.37 0.62 -5.10
C LYS B 185 -0.76 1.92 -4.58
N ALA B 186 -0.28 1.87 -3.34
CA ALA B 186 0.32 3.02 -2.65
C ALA B 186 1.61 3.54 -3.28
N ILE B 187 2.52 2.63 -3.60
CA ILE B 187 3.80 2.99 -4.19
C ILE B 187 3.69 4.11 -5.23
N ILE B 188 2.92 3.89 -6.28
CA ILE B 188 2.77 4.92 -7.30
C ILE B 188 2.08 6.16 -6.73
N MET B 189 1.11 5.96 -5.84
CA MET B 189 0.41 7.09 -5.25
C MET B 189 1.24 7.92 -4.28
N GLU B 190 2.12 7.29 -3.52
CA GLU B 190 2.95 8.04 -2.57
C GLU B 190 3.85 8.94 -3.39
N ARG B 191 4.28 8.42 -4.52
CA ARG B 191 5.14 9.15 -5.42
C ARG B 191 4.36 10.24 -6.13
N ALA B 192 3.12 9.93 -6.52
CA ALA B 192 2.25 10.87 -7.21
C ALA B 192 2.01 12.14 -6.40
N ILE B 193 1.71 11.94 -5.12
CA ILE B 193 1.47 13.01 -4.17
C ILE B 193 2.72 13.87 -3.95
N ALA B 194 3.88 13.21 -3.98
CA ALA B 194 5.16 13.89 -3.80
C ALA B 194 5.37 14.91 -4.91
N HIS B 195 5.18 14.47 -6.15
CA HIS B 195 5.33 15.36 -7.29
C HIS B 195 4.27 16.44 -7.37
N LEU B 196 3.05 16.12 -6.89
CA LEU B 196 1.95 17.06 -6.90
C LEU B 196 2.29 18.23 -6.00
N GLY B 197 2.87 17.92 -4.84
CA GLY B 197 3.25 18.98 -3.91
C GLY B 197 2.18 19.40 -2.92
N VAL B 198 0.89 19.30 -3.28
CA VAL B 198 -0.16 19.67 -2.35
C VAL B 198 -0.42 18.50 -1.43
N GLU B 199 -0.75 18.81 -0.17
CA GLU B 199 -0.99 17.77 0.82
C GLU B 199 -2.23 16.93 0.52
N LYS B 200 -2.14 15.65 0.89
CA LYS B 200 -3.17 14.66 0.62
C LYS B 200 -4.63 15.03 0.84
N GLU B 201 -4.96 15.71 1.93
CA GLU B 201 -6.35 16.04 2.19
C GLU B 201 -6.98 17.09 1.29
N GLN B 202 -6.17 17.74 0.47
CA GLN B 202 -6.70 18.75 -0.44
C GLN B 202 -6.43 18.37 -1.89
N VAL B 203 -6.27 17.07 -2.11
CA VAL B 203 -6.02 16.52 -3.43
C VAL B 203 -7.16 15.60 -3.76
N ILE B 204 -7.49 15.46 -5.04
CA ILE B 204 -8.56 14.58 -5.46
C ILE B 204 -8.16 13.85 -6.75
N MET B 205 -8.34 12.54 -6.77
CA MET B 205 -7.99 11.72 -7.94
C MET B 205 -9.14 11.75 -8.95
N VAL B 206 -8.81 11.98 -10.21
CA VAL B 206 -9.84 12.06 -11.26
C VAL B 206 -9.64 11.00 -12.33
N GLY B 207 -10.71 10.27 -12.66
CA GLY B 207 -10.58 9.24 -13.66
C GLY B 207 -11.89 8.63 -14.12
N ASP B 208 -11.80 7.77 -15.14
CA ASP B 208 -12.97 7.10 -15.70
C ASP B 208 -13.12 5.67 -15.23
N ASN B 209 -12.03 5.05 -14.80
CA ASN B 209 -12.09 3.65 -14.36
C ASN B 209 -12.17 3.46 -12.85
N TYR B 210 -13.28 2.87 -12.41
CA TYR B 210 -13.48 2.67 -10.99
C TYR B 210 -12.45 1.81 -10.30
N GLU B 211 -12.08 0.69 -10.90
CA GLU B 211 -11.13 -0.19 -10.26
C GLU B 211 -9.70 0.32 -10.23
N THR B 212 -9.29 1.07 -11.23
CA THR B 212 -7.94 1.57 -11.23
C THR B 212 -7.84 2.96 -10.61
N ASP B 213 -8.63 3.89 -11.13
CA ASP B 213 -8.59 5.26 -10.64
C ASP B 213 -9.34 5.55 -9.34
N ILE B 214 -10.64 5.27 -9.32
CA ILE B 214 -11.42 5.56 -8.12
C ILE B 214 -10.86 4.81 -6.92
N GLN B 215 -10.46 3.56 -7.16
CA GLN B 215 -9.91 2.72 -6.13
C GLN B 215 -8.57 3.25 -5.62
N SER B 216 -7.77 3.82 -6.53
CA SER B 216 -6.49 4.36 -6.11
C SER B 216 -6.79 5.45 -5.10
N GLY B 217 -7.99 6.01 -5.19
CA GLY B 217 -8.38 7.07 -4.28
C GLY B 217 -8.83 6.59 -2.91
N ILE B 218 -9.76 5.65 -2.85
CA ILE B 218 -10.26 5.16 -1.57
C ILE B 218 -9.21 4.31 -0.87
N GLN B 219 -8.38 3.64 -1.65
CA GLN B 219 -7.34 2.78 -1.11
C GLN B 219 -6.26 3.54 -0.36
N ASN B 220 -6.05 4.80 -0.72
CA ASN B 220 -5.00 5.59 -0.11
C ASN B 220 -5.50 6.86 0.58
N GLY B 221 -6.76 6.90 0.95
CA GLY B 221 -7.29 8.08 1.62
C GLY B 221 -7.18 9.37 0.83
N ILE B 222 -7.63 9.34 -0.42
CA ILE B 222 -7.62 10.50 -1.29
C ILE B 222 -8.99 10.60 -1.94
N ASP B 223 -9.59 11.79 -1.93
CA ASP B 223 -10.91 11.97 -2.54
C ASP B 223 -10.95 11.53 -3.99
N SER B 224 -12.11 11.03 -4.40
CA SER B 224 -12.29 10.53 -5.75
C SER B 224 -13.29 11.34 -6.54
N LEU B 225 -13.08 11.36 -7.85
CA LEU B 225 -13.95 12.05 -8.78
C LEU B 225 -14.07 11.07 -9.93
N LEU B 226 -15.29 10.65 -10.23
CA LEU B 226 -15.53 9.71 -11.32
C LEU B 226 -16.30 10.34 -12.47
N VAL B 227 -15.91 9.98 -13.70
CA VAL B 227 -16.57 10.48 -14.89
C VAL B 227 -17.05 9.28 -15.68
N THR B 228 -18.37 9.11 -15.74
CA THR B 228 -18.95 7.99 -16.46
C THR B 228 -18.81 8.23 -17.96
N SER B 229 -17.57 8.20 -18.44
CA SER B 229 -17.26 8.42 -19.85
C SER B 229 -16.39 7.28 -20.39
N GLY B 230 -15.44 6.83 -19.59
CA GLY B 230 -14.58 5.75 -20.00
C GLY B 230 -15.18 4.39 -19.71
N PHE B 231 -14.39 3.53 -19.08
CA PHE B 231 -14.79 2.16 -18.75
C PHE B 231 -16.12 2.05 -18.05
N THR B 232 -16.12 2.39 -16.77
CA THR B 232 -17.31 2.33 -15.92
C THR B 232 -18.42 3.26 -16.39
N PRO B 233 -19.55 2.67 -16.83
CA PRO B 233 -20.74 3.40 -17.29
C PRO B 233 -21.57 3.95 -16.14
N LYS B 234 -22.50 4.85 -16.46
CA LYS B 234 -23.33 5.46 -15.43
C LYS B 234 -24.33 4.49 -14.80
N SER B 235 -24.54 3.35 -15.45
CA SER B 235 -25.48 2.34 -14.96
C SER B 235 -24.90 1.56 -13.79
N ALA B 236 -23.58 1.37 -13.79
CA ALA B 236 -22.88 0.62 -12.76
C ALA B 236 -22.70 1.40 -11.46
N VAL B 237 -22.70 2.72 -11.57
CA VAL B 237 -22.52 3.58 -10.41
C VAL B 237 -23.38 3.17 -9.21
N PRO B 238 -24.64 2.78 -9.46
CA PRO B 238 -25.53 2.37 -8.37
C PRO B 238 -25.10 1.13 -7.57
N THR B 239 -24.52 0.15 -8.25
CA THR B 239 -24.09 -1.08 -7.58
C THR B 239 -22.62 -1.15 -7.16
N LEU B 240 -21.90 -0.03 -7.27
CA LEU B 240 -20.49 -0.01 -6.90
C LEU B 240 -20.28 -0.38 -5.43
N PRO B 241 -19.22 -1.14 -5.12
CA PRO B 241 -18.92 -1.56 -3.74
C PRO B 241 -18.99 -0.38 -2.78
N THR B 242 -18.32 0.71 -3.13
CA THR B 242 -18.35 1.93 -2.34
C THR B 242 -18.22 3.04 -3.36
N PRO B 243 -19.04 4.09 -3.21
CA PRO B 243 -19.03 5.22 -4.13
C PRO B 243 -17.81 6.10 -4.07
N PRO B 244 -17.48 6.75 -5.19
CA PRO B 244 -16.33 7.66 -5.23
C PRO B 244 -16.77 8.92 -4.50
N THR B 245 -15.84 9.78 -4.14
CA THR B 245 -16.23 11.00 -3.42
C THR B 245 -17.27 11.79 -4.22
N TYR B 246 -17.17 11.72 -5.54
CA TYR B 246 -18.12 12.42 -6.41
C TYR B 246 -18.26 11.68 -7.72
N VAL B 247 -19.42 11.81 -8.35
CA VAL B 247 -19.66 11.20 -9.64
C VAL B 247 -20.11 12.32 -10.55
N VAL B 248 -19.62 12.30 -11.79
CA VAL B 248 -19.96 13.32 -12.75
C VAL B 248 -19.97 12.64 -14.11
N ASP B 249 -20.76 13.16 -15.05
CA ASP B 249 -20.83 12.54 -16.37
C ASP B 249 -20.10 13.36 -17.42
N SER B 250 -19.27 14.28 -16.96
CA SER B 250 -18.49 15.14 -17.83
C SER B 250 -17.69 16.07 -16.95
N LEU B 251 -16.39 16.18 -17.22
CA LEU B 251 -15.57 17.05 -16.40
C LEU B 251 -16.09 18.49 -16.46
N ASP B 252 -16.98 18.76 -17.41
CA ASP B 252 -17.55 20.10 -17.55
C ASP B 252 -18.42 20.35 -16.33
N GLU B 253 -19.21 19.34 -15.96
CA GLU B 253 -20.11 19.43 -14.81
C GLU B 253 -19.37 19.77 -13.53
N TRP B 254 -18.07 19.56 -13.53
CA TRP B 254 -17.26 19.86 -12.36
C TRP B 254 -16.69 21.26 -12.39
N THR B 255 -16.82 21.97 -11.28
CA THR B 255 -16.28 23.31 -11.16
C THR B 255 -15.26 23.27 -10.03
N PHE B 256 -14.35 24.23 -9.99
CA PHE B 256 -13.33 24.25 -8.97
C PHE B 256 -13.68 25.04 -7.72
N GLU B 257 -14.91 24.89 -7.25
CA GLU B 257 -15.40 25.56 -6.04
C GLU B 257 -15.88 24.49 -5.05
N GLY B 258 -15.64 23.24 -5.42
CA GLY B 258 -16.04 22.09 -4.61
C GLY B 258 -16.90 21.14 -5.41
#